data_6Y09
#
_entry.id   6Y09
#
_cell.length_a   56.950
_cell.length_b   132.420
_cell.length_c   155.130
_cell.angle_alpha   90.000
_cell.angle_beta   90.000
_cell.angle_gamma   90.000
#
_symmetry.space_group_name_H-M   'P 21 21 21'
#
loop_
_entity.id
_entity.type
_entity.pdbx_description
1 polymer 'Ras-related protein Rab-33B'
2 polymer 'Autophagy-related protein 16-1'
3 non-polymer 'MAGNESIUM ION'
4 non-polymer "GUANOSINE-5'-TRIPHOSPHATE"
5 non-polymer 'PHOSPHATE ION'
6 non-polymer DI(HYDROXYETHYL)ETHER
7 non-polymer 1,2-ETHANEDIOL
8 water water
#
loop_
_entity_poly.entity_id
_entity_poly.type
_entity_poly.pdbx_seq_one_letter_code
_entity_poly.pdbx_strand_id
1 'polypeptide(L)'
;GPMRSRIFKIIVIGDSNVGKTCLTYRFCAGRFPDRTEATIGVDFRERAVEIDGERIKIQLWDTAGLERFRKSMVQHYYRN
VHAVVFVYDMTNMASFHSLPSWIEECKQHLLANDIPRILVGNKCDLRSAIQVPTDLAQKFADTHSMPLFETSAKNPNDND
HVEAIFMTLAHKLKSHKPLMLSQPPDNGIILK
;
A,B
2 'polypeptide(L)'
;MLETNCLDLRTKLQDLEVANQTLKDEYDALQITFTALEEKLRKTTEENQELVTRWMAEKAQEANRLNAENEKDSRRRQAR
LQKELAEAAKEPLPVEQDDDIEVIVDETSDHTEETSPVRAVSRAAT
;
C,D
#
# COMPACT_ATOMS: atom_id res chain seq x y z
N ARG A 4 4.32 1.09 31.98
CA ARG A 4 4.09 1.86 33.19
C ARG A 4 3.76 3.33 32.89
N SER A 5 4.09 3.79 31.68
CA SER A 5 3.88 5.18 31.32
C SER A 5 2.51 5.43 30.70
N ARG A 6 1.82 6.48 31.16
CA ARG A 6 0.57 6.93 30.54
C ARG A 6 0.75 7.27 29.07
N ILE A 7 -0.23 6.88 28.26
CA ILE A 7 -0.22 7.22 26.85
C ILE A 7 -1.31 8.23 26.55
N PHE A 8 -0.95 9.32 25.89
CA PHE A 8 -1.93 10.32 25.46
C PHE A 8 -2.14 10.19 23.95
N LYS A 9 -3.34 9.78 23.56
CA LYS A 9 -3.65 9.68 22.15
C LYS A 9 -4.15 11.04 21.63
N ILE A 10 -3.41 11.57 20.67
CA ILE A 10 -3.71 12.88 20.11
C ILE A 10 -3.83 12.78 18.60
N ILE A 11 -5.00 13.05 18.06
CA ILE A 11 -5.15 12.93 16.62
C ILE A 11 -5.01 14.28 15.92
N VAL A 12 -4.50 14.23 14.70
CA VAL A 12 -4.25 15.42 13.89
C VAL A 12 -4.98 15.31 12.55
N ILE A 13 -5.87 16.29 12.39
CA ILE A 13 -6.98 16.30 11.45
C ILE A 13 -6.96 17.58 10.63
N GLY A 14 -7.11 17.45 9.33
CA GLY A 14 -7.22 18.58 8.44
C GLY A 14 -7.05 18.17 6.99
N ASP A 15 -7.21 19.13 6.09
CA ASP A 15 -7.16 18.90 4.65
C ASP A 15 -5.83 18.30 4.22
N SER A 16 -5.81 17.68 3.06
CA SER A 16 -4.56 17.18 2.52
C SER A 16 -3.65 18.39 2.24
N ASN A 17 -2.34 18.19 2.39
CA ASN A 17 -1.31 19.21 2.08
C ASN A 17 -1.19 20.38 3.07
N VAL A 18 -1.83 20.30 4.22
CA VAL A 18 -1.67 21.40 5.17
C VAL A 18 -0.41 21.17 5.99
N GLY A 19 0.06 19.93 6.02
CA GLY A 19 1.34 19.62 6.66
C GLY A 19 1.26 18.89 7.98
N LYS A 20 0.24 18.05 8.13
CA LYS A 20 0.06 17.26 9.33
C LYS A 20 1.23 16.29 9.53
N THR A 21 1.62 15.59 8.47
CA THR A 21 2.77 14.69 8.53
C THR A 21 4.03 15.43 8.94
N CYS A 22 4.32 16.55 8.27
CA CYS A 22 5.48 17.37 8.62
C CYS A 22 5.47 17.91 10.06
N LEU A 23 4.32 18.33 10.56
CA LEU A 23 4.24 18.82 11.95
C LEU A 23 4.54 17.71 12.96
N THR A 24 3.88 16.57 12.77
CA THR A 24 3.96 15.47 13.74
C THR A 24 5.33 14.83 13.70
N TYR A 25 5.86 14.66 12.48
CA TYR A 25 7.22 14.19 12.31
C TYR A 25 8.19 15.19 12.90
N ARG A 26 7.90 16.48 12.77
CA ARG A 26 8.77 17.50 13.36
C ARG A 26 8.82 17.33 14.87
N PHE A 27 7.66 17.16 15.48
CA PHE A 27 7.64 17.02 16.93
C PHE A 27 8.33 15.74 17.42
N CYS A 28 8.08 14.62 16.75
CA CYS A 28 8.58 13.32 17.24
C CYS A 28 10.01 12.94 16.82
N ALA A 29 10.42 13.30 15.60
CA ALA A 29 11.75 13.00 15.09
C ALA A 29 12.73 14.17 15.27
N GLY A 30 12.18 15.38 15.39
CA GLY A 30 13.00 16.57 15.55
C GLY A 30 13.65 17.02 14.26
N ARG A 31 13.06 16.64 13.13
CA ARG A 31 13.57 17.05 11.81
C ARG A 31 12.43 17.35 10.86
N PHE A 32 12.75 17.96 9.72
CA PHE A 32 11.79 18.08 8.63
C PHE A 32 11.93 16.88 7.70
N PRO A 33 10.79 16.34 7.19
CA PRO A 33 10.84 15.16 6.33
C PRO A 33 11.65 15.35 5.05
N ASP A 34 12.46 14.35 4.71
CA ASP A 34 13.21 14.36 3.45
C ASP A 34 12.27 14.41 2.25
N ARG A 35 11.08 13.84 2.41
CA ARG A 35 10.06 13.85 1.38
C ARG A 35 8.74 13.38 1.99
N THR A 36 7.62 13.91 1.51
CA THR A 36 6.32 13.40 1.94
C THR A 36 5.51 12.96 0.74
N GLU A 37 4.63 12.00 0.98
CA GLU A 37 3.63 11.62 0.01
C GLU A 37 2.34 11.61 0.79
N ALA A 38 1.21 11.56 0.09
CA ALA A 38 -0.10 11.55 0.72
C ALA A 38 -0.17 10.45 1.76
N THR A 39 -0.52 10.80 2.99
CA THR A 39 -0.68 9.80 4.01
C THR A 39 -1.87 8.89 3.68
N ILE A 40 -1.65 7.58 3.82
CA ILE A 40 -2.66 6.59 3.49
C ILE A 40 -3.16 5.94 4.76
N GLY A 41 -4.43 6.16 5.08
CA GLY A 41 -4.99 5.68 6.34
C GLY A 41 -4.52 6.56 7.47
N VAL A 42 -3.36 6.23 8.04
CA VAL A 42 -2.84 6.95 9.19
C VAL A 42 -1.38 6.57 9.44
N ASP A 43 -0.59 7.52 9.94
CA ASP A 43 0.75 7.19 10.42
C ASP A 43 0.82 7.41 11.94
N PHE A 44 1.52 6.53 12.65
CA PHE A 44 1.63 6.67 14.10
C PHE A 44 3.01 7.14 14.52
N ARG A 45 3.09 8.24 15.25
CA ARG A 45 4.40 8.73 15.72
C ARG A 45 4.34 8.93 17.23
N GLU A 46 5.36 8.48 17.95
CA GLU A 46 5.34 8.58 19.40
C GLU A 46 6.55 9.34 19.92
N ARG A 47 6.39 10.01 21.06
CA ARG A 47 7.53 10.62 21.72
C ARG A 47 7.36 10.60 23.22
N ALA A 48 8.33 10.03 23.92
CA ALA A 48 8.32 10.01 25.38
C ALA A 48 8.85 11.34 25.89
N VAL A 49 8.11 11.97 26.81
CA VAL A 49 8.57 13.21 27.42
C VAL A 49 8.39 13.12 28.92
N GLU A 50 9.01 14.04 29.65
CA GLU A 50 8.83 14.09 31.09
C GLU A 50 8.15 15.40 31.45
N ILE A 51 6.96 15.29 32.02
CA ILE A 51 6.21 16.46 32.49
C ILE A 51 6.04 16.40 34.01
N ASP A 52 6.59 17.40 34.69
CA ASP A 52 6.47 17.54 36.14
C ASP A 52 6.85 16.25 36.86
N GLY A 53 7.89 15.59 36.38
CA GLY A 53 8.39 14.40 37.03
C GLY A 53 7.89 13.09 36.43
N GLU A 54 6.78 13.15 35.71
CA GLU A 54 6.18 11.93 35.17
C GLU A 54 6.54 11.66 33.71
N ARG A 55 6.85 10.41 33.40
CA ARG A 55 7.09 10.05 32.01
C ARG A 55 5.76 9.80 31.31
N ILE A 56 5.61 10.42 30.15
CA ILE A 56 4.39 10.41 29.39
C ILE A 56 4.71 10.07 27.94
N LYS A 57 3.99 9.12 27.36
CA LYS A 57 4.15 8.84 25.94
C LYS A 57 3.09 9.59 25.13
N ILE A 58 3.54 10.52 24.30
CA ILE A 58 2.67 11.27 23.40
C ILE A 58 2.52 10.49 22.11
N GLN A 59 1.32 9.99 21.85
CA GLN A 59 1.06 9.16 20.68
C GLN A 59 0.21 9.92 19.69
N LEU A 60 0.87 10.45 18.66
CA LEU A 60 0.24 11.26 17.64
C LEU A 60 -0.24 10.38 16.50
N TRP A 61 -1.52 10.56 16.19
CA TRP A 61 -2.15 9.94 15.04
C TRP A 61 -2.20 10.97 13.91
N ASP A 62 -1.28 10.82 12.97
CA ASP A 62 -1.22 11.67 11.79
C ASP A 62 -2.24 11.12 10.78
N THR A 63 -3.43 11.73 10.70
CA THR A 63 -4.47 11.10 9.88
C THR A 63 -4.31 11.49 8.42
N ALA A 64 -5.09 10.86 7.54
CA ALA A 64 -5.12 11.25 6.14
C ALA A 64 -6.16 12.35 5.88
N GLY A 65 -5.89 13.23 4.94
CA GLY A 65 -6.82 14.30 4.63
C GLY A 65 -7.60 14.02 3.35
N LEU A 66 -7.13 13.10 2.54
CA LEU A 66 -7.84 12.74 1.33
C LEU A 66 -8.98 11.77 1.62
N GLU A 67 -10.14 12.04 1.02
CA GLU A 67 -11.32 11.24 1.30
C GLU A 67 -11.10 9.75 1.06
N ARG A 68 -10.43 9.38 -0.02
CA ARG A 68 -10.31 7.95 -0.32
C ARG A 68 -9.26 7.29 0.59
N PHE A 69 -8.41 8.09 1.21
CA PHE A 69 -7.38 7.52 2.06
C PHE A 69 -7.77 7.51 3.54
N ARG A 70 -8.97 7.96 3.88
CA ARG A 70 -9.44 7.91 5.26
C ARG A 70 -10.77 7.18 5.38
N LYS A 71 -11.22 6.62 4.26
CA LYS A 71 -12.44 5.84 4.22
C LYS A 71 -12.47 4.74 5.29
N SER A 72 -13.54 4.73 6.07
CA SER A 72 -13.78 3.74 7.13
C SER A 72 -12.70 3.71 8.20
N MET A 73 -11.98 4.82 8.34
CA MET A 73 -10.96 4.98 9.37
C MET A 73 -11.40 5.84 10.57
N VAL A 74 -12.41 6.68 10.38
CA VAL A 74 -12.74 7.72 11.35
C VAL A 74 -13.14 7.15 12.73
N GLN A 75 -13.93 6.09 12.73
CA GLN A 75 -14.23 5.34 13.94
C GLN A 75 -12.94 4.97 14.70
N HIS A 76 -11.89 4.60 13.96
CA HIS A 76 -10.60 4.27 14.56
C HIS A 76 -9.85 5.52 15.05
N TYR A 77 -9.90 6.61 14.28
CA TYR A 77 -9.29 7.87 14.72
C TYR A 77 -9.84 8.26 16.09
N TYR A 78 -11.16 8.26 16.23
CA TYR A 78 -11.79 8.84 17.42
C TYR A 78 -12.01 7.90 18.61
N ARG A 79 -11.68 6.61 18.49
CA ARG A 79 -11.83 5.71 19.62
C ARG A 79 -10.81 6.01 20.71
N ASN A 80 -11.31 6.42 21.88
CA ASN A 80 -10.45 6.75 23.03
C ASN A 80 -9.42 7.85 22.77
N VAL A 81 -9.79 8.82 21.94
CA VAL A 81 -8.94 9.97 21.71
C VAL A 81 -8.86 10.85 22.95
N HIS A 82 -7.68 11.39 23.23
CA HIS A 82 -7.49 12.28 24.36
C HIS A 82 -7.45 13.74 23.96
N ALA A 83 -7.01 14.02 22.75
CA ALA A 83 -7.10 15.40 22.25
C ALA A 83 -7.14 15.51 20.74
N VAL A 84 -7.68 16.62 20.25
CA VAL A 84 -7.81 16.81 18.81
C VAL A 84 -7.11 18.08 18.35
N VAL A 85 -6.27 17.94 17.35
CA VAL A 85 -5.58 19.06 16.72
C VAL A 85 -6.10 19.27 15.30
N PHE A 86 -6.77 20.39 15.07
CA PHE A 86 -7.19 20.75 13.71
C PHE A 86 -6.12 21.60 13.07
N VAL A 87 -5.84 21.32 11.81
CA VAL A 87 -4.76 21.98 11.11
C VAL A 87 -5.24 22.56 9.79
N TYR A 88 -4.85 23.79 9.50
CA TYR A 88 -5.06 24.35 8.17
C TYR A 88 -3.77 25.00 7.66
N ASP A 89 -3.69 25.16 6.34
CA ASP A 89 -2.57 25.83 5.69
C ASP A 89 -2.81 27.35 5.63
N MET A 90 -1.92 28.13 6.25
CA MET A 90 -2.10 29.59 6.28
C MET A 90 -2.06 30.22 4.90
N THR A 91 -1.53 29.49 3.91
CA THR A 91 -1.49 30.01 2.55
C THR A 91 -2.62 29.49 1.70
N ASN A 92 -3.58 28.82 2.32
CA ASN A 92 -4.71 28.22 1.60
C ASN A 92 -6.04 28.44 2.33
N MET A 93 -6.79 29.42 1.86
CA MET A 93 -8.06 29.82 2.48
C MET A 93 -9.07 28.69 2.44
N ALA A 94 -9.04 27.91 1.35
CA ALA A 94 -9.95 26.78 1.20
C ALA A 94 -9.78 25.77 2.35
N SER A 95 -8.54 25.56 2.78
CA SER A 95 -8.28 24.61 3.87
C SER A 95 -8.80 25.15 5.19
N PHE A 96 -8.88 26.48 5.29
CA PHE A 96 -9.41 27.13 6.49
C PHE A 96 -10.94 27.02 6.48
N HIS A 97 -11.51 27.14 5.30
CA HIS A 97 -12.96 27.03 5.12
C HIS A 97 -13.46 25.59 5.32
N SER A 98 -12.57 24.61 5.26
CA SER A 98 -12.97 23.20 5.51
C SER A 98 -13.17 22.95 7.00
N LEU A 99 -12.63 23.84 7.84
CA LEU A 99 -12.64 23.60 9.28
C LEU A 99 -14.04 23.29 9.85
N PRO A 100 -15.10 24.00 9.42
CA PRO A 100 -16.39 23.60 10.01
C PRO A 100 -16.75 22.13 9.75
N SER A 101 -16.53 21.60 8.55
CA SER A 101 -16.85 20.19 8.32
C SER A 101 -15.97 19.25 9.18
N TRP A 102 -14.71 19.60 9.40
CA TRP A 102 -13.86 18.80 10.28
C TRP A 102 -14.41 18.82 11.71
N ILE A 103 -14.84 20.00 12.15
CA ILE A 103 -15.42 20.16 13.47
C ILE A 103 -16.65 19.26 13.59
N GLU A 104 -17.48 19.25 12.55
CA GLU A 104 -18.74 18.55 12.58
C GLU A 104 -18.49 17.06 12.66
N GLU A 105 -17.43 16.62 11.98
CA GLU A 105 -17.04 15.21 12.03
C GLU A 105 -16.65 14.85 13.47
N CYS A 106 -15.83 15.70 14.06
CA CYS A 106 -15.40 15.55 15.44
C CYS A 106 -16.59 15.43 16.39
N LYS A 107 -17.48 16.41 16.32
CA LYS A 107 -18.70 16.47 17.11
C LYS A 107 -19.53 15.18 17.00
N GLN A 108 -19.69 14.68 15.77
CA GLN A 108 -20.48 13.48 15.58
C GLN A 108 -19.74 12.23 16.06
N HIS A 109 -18.41 12.27 16.17
CA HIS A 109 -17.70 11.07 16.59
C HIS A 109 -17.09 11.10 18.00
N LEU A 110 -16.95 12.28 18.62
CA LEU A 110 -16.42 12.29 19.99
C LEU A 110 -17.44 11.66 20.93
N LEU A 111 -16.96 10.80 21.84
CA LEU A 111 -17.81 10.16 22.82
C LEU A 111 -17.81 10.83 24.20
N ALA A 112 -17.10 11.93 24.37
CA ALA A 112 -17.17 12.65 25.63
C ALA A 112 -17.23 14.14 25.35
N ASN A 113 -17.75 14.91 26.29
CA ASN A 113 -17.86 16.34 26.07
C ASN A 113 -16.65 17.14 26.59
N ASP A 114 -15.61 16.45 27.03
CA ASP A 114 -14.50 17.14 27.68
C ASP A 114 -13.13 16.80 27.07
N ILE A 115 -13.13 16.47 25.78
CA ILE A 115 -11.89 16.28 25.04
C ILE A 115 -11.41 17.62 24.47
N PRO A 116 -10.22 18.05 24.88
CA PRO A 116 -9.74 19.34 24.37
C PRO A 116 -9.44 19.34 22.86
N ARG A 117 -9.77 20.46 22.21
CA ARG A 117 -9.46 20.62 20.81
C ARG A 117 -8.64 21.92 20.63
N ILE A 118 -7.66 21.91 19.72
CA ILE A 118 -6.90 23.12 19.41
C ILE A 118 -6.82 23.39 17.92
N LEU A 119 -6.47 24.63 17.56
CA LEU A 119 -6.41 25.02 16.16
C LEU A 119 -5.02 25.52 15.79
N VAL A 120 -4.48 24.94 14.73
CA VAL A 120 -3.13 25.22 14.27
C VAL A 120 -3.13 25.60 12.78
N GLY A 121 -2.72 26.84 12.53
CA GLY A 121 -2.35 27.29 11.19
C GLY A 121 -0.86 27.02 10.95
N ASN A 122 -0.59 26.33 9.85
CA ASN A 122 0.76 25.91 9.47
C ASN A 122 1.29 26.69 8.28
N LYS A 123 2.62 26.63 8.11
CA LYS A 123 3.37 27.29 7.04
C LYS A 123 3.39 28.81 7.22
N CYS A 124 3.52 29.25 8.46
CA CYS A 124 3.68 30.69 8.72
C CYS A 124 4.97 31.27 8.12
N ASP A 125 5.92 30.42 7.73
CA ASP A 125 7.16 30.88 7.08
C ASP A 125 6.94 31.42 5.67
N LEU A 126 5.84 31.07 5.04
CA LEU A 126 5.53 31.54 3.69
C LEU A 126 4.75 32.87 3.75
N ARG A 127 5.34 33.87 4.40
CA ARG A 127 4.67 35.13 4.71
C ARG A 127 4.12 35.84 3.48
N SER A 128 4.80 35.74 2.34
CA SER A 128 4.36 36.48 1.16
C SER A 128 3.18 35.81 0.46
N ALA A 129 2.79 34.62 0.90
CA ALA A 129 1.68 33.91 0.26
C ALA A 129 0.51 33.61 1.21
N ILE A 130 0.60 34.10 2.43
CA ILE A 130 -0.44 33.88 3.44
C ILE A 130 -1.82 34.43 3.03
N GLN A 131 -2.86 33.61 3.20
CA GLN A 131 -4.22 33.94 2.74
C GLN A 131 -5.17 34.11 3.90
N VAL A 132 -4.79 33.58 5.06
CA VAL A 132 -5.65 33.54 6.22
C VAL A 132 -5.11 34.47 7.30
N PRO A 133 -5.71 35.66 7.42
CA PRO A 133 -5.24 36.64 8.40
C PRO A 133 -5.43 36.11 9.82
N THR A 134 -4.49 36.45 10.70
CA THR A 134 -4.55 36.06 12.10
C THR A 134 -5.91 36.33 12.74
N ASP A 135 -6.44 37.52 12.54
CA ASP A 135 -7.64 37.92 13.29
C ASP A 135 -8.87 37.07 12.89
N LEU A 136 -8.96 36.67 11.62
CA LEU A 136 -10.02 35.77 11.18
C LEU A 136 -9.94 34.45 11.96
N ALA A 137 -8.76 33.85 11.94
CA ALA A 137 -8.53 32.55 12.57
C ALA A 137 -8.71 32.65 14.08
N GLN A 138 -8.33 33.79 14.64
CA GLN A 138 -8.44 33.97 16.07
C GLN A 138 -9.90 34.03 16.48
N LYS A 139 -10.70 34.72 15.68
CA LYS A 139 -12.13 34.84 15.99
C LYS A 139 -12.78 33.45 15.89
N PHE A 140 -12.35 32.68 14.88
CA PHE A 140 -12.85 31.33 14.69
C PHE A 140 -12.55 30.46 15.91
N ALA A 141 -11.30 30.51 16.35
CA ALA A 141 -10.83 29.66 17.44
C ALA A 141 -11.47 30.04 18.77
N ASP A 142 -11.66 31.33 18.98
CA ASP A 142 -12.26 31.82 20.23
C ASP A 142 -13.71 31.37 20.30
N THR A 143 -14.45 31.61 19.22
CA THR A 143 -15.88 31.30 19.25
C THR A 143 -16.11 29.80 19.41
N HIS A 144 -15.12 28.99 19.03
CA HIS A 144 -15.20 27.53 19.21
C HIS A 144 -14.47 27.01 20.48
N SER A 145 -14.02 27.90 21.36
CA SER A 145 -13.27 27.52 22.57
C SER A 145 -12.00 26.71 22.25
N MET A 146 -11.24 27.16 21.27
CA MET A 146 -9.94 26.56 20.96
C MET A 146 -8.85 27.61 21.00
N PRO A 147 -7.69 27.30 21.60
CA PRO A 147 -6.55 28.20 21.35
C PRO A 147 -6.12 28.15 19.89
N LEU A 148 -5.57 29.25 19.40
CA LEU A 148 -5.00 29.30 18.07
C LEU A 148 -3.48 29.26 18.17
N PHE A 149 -2.84 28.60 17.21
CA PHE A 149 -1.39 28.66 17.07
C PHE A 149 -1.10 28.86 15.59
N GLU A 150 -0.12 29.72 15.29
CA GLU A 150 0.35 29.87 13.93
C GLU A 150 1.81 29.48 13.92
N THR A 151 2.13 28.42 13.19
CA THR A 151 3.43 27.76 13.31
C THR A 151 4.08 27.42 11.97
N SER A 152 5.29 26.85 12.01
CA SER A 152 5.94 26.33 10.82
C SER A 152 6.70 25.05 11.11
N ALA A 153 6.27 23.96 10.50
CA ALA A 153 6.97 22.70 10.68
C ALA A 153 8.34 22.80 10.01
N LYS A 154 8.41 23.56 8.95
CA LYS A 154 9.67 23.73 8.24
C LYS A 154 10.67 24.54 9.08
N ASN A 155 10.27 25.72 9.58
CA ASN A 155 11.12 26.51 10.46
C ASN A 155 10.57 26.55 11.89
N PRO A 156 11.05 25.63 12.74
CA PRO A 156 10.26 25.27 13.92
C PRO A 156 10.34 26.25 15.09
N ASN A 157 11.04 27.37 14.93
CA ASN A 157 11.08 28.38 15.98
C ASN A 157 10.38 29.69 15.58
N ASP A 158 9.79 29.71 14.39
CA ASP A 158 9.03 30.85 13.91
C ASP A 158 7.67 30.97 14.61
N ASN A 159 7.31 32.18 15.01
CA ASN A 159 6.07 32.47 15.73
C ASN A 159 5.82 31.51 16.91
N ASP A 160 4.73 30.74 16.88
CA ASP A 160 4.52 29.69 17.89
C ASP A 160 5.41 28.47 17.64
N HIS A 161 6.36 28.20 18.53
CA HIS A 161 7.29 27.09 18.34
C HIS A 161 6.53 25.79 18.26
N VAL A 162 6.84 24.97 17.27
CA VAL A 162 6.17 23.68 17.07
C VAL A 162 6.19 22.84 18.34
N GLU A 163 7.35 22.78 18.99
CA GLU A 163 7.51 22.00 20.21
C GLU A 163 6.55 22.47 21.29
N ALA A 164 6.44 23.79 21.42
CA ALA A 164 5.68 24.38 22.50
C ALA A 164 4.20 24.05 22.38
N ILE A 165 3.73 23.92 21.14
CA ILE A 165 2.35 23.52 20.88
C ILE A 165 1.99 22.17 21.52
N PHE A 166 2.68 21.13 21.09
CA PHE A 166 2.34 19.79 21.58
C PHE A 166 2.69 19.69 23.06
N MET A 167 3.78 20.31 23.49
CA MET A 167 4.13 20.26 24.91
C MET A 167 3.09 20.95 25.80
N THR A 168 2.52 22.06 25.33
CA THR A 168 1.53 22.78 26.10
C THR A 168 0.29 21.91 26.23
N LEU A 169 -0.13 21.36 25.10
CA LEU A 169 -1.26 20.44 25.10
C LEU A 169 -1.06 19.27 26.09
N ALA A 170 0.09 18.62 26.00
CA ALA A 170 0.41 17.49 26.87
C ALA A 170 0.44 17.90 28.34
N HIS A 171 0.86 19.14 28.60
CA HIS A 171 0.82 19.65 29.98
C HIS A 171 -0.62 19.76 30.47
N LYS A 172 -1.49 20.30 29.62
CA LYS A 172 -2.89 20.45 29.97
C LYS A 172 -3.57 19.09 30.19
N LEU A 173 -3.25 18.11 29.34
CA LEU A 173 -3.78 16.76 29.53
C LEU A 173 -3.31 16.21 30.85
N LYS A 174 -2.01 16.33 31.13
CA LYS A 174 -1.44 15.75 32.35
C LYS A 174 -2.03 16.39 33.60
N SER A 175 -2.37 17.66 33.53
CA SER A 175 -2.92 18.36 34.69
C SER A 175 -4.43 18.29 34.74
N HIS A 176 -5.04 17.97 33.59
CA HIS A 176 -6.46 18.15 33.37
C HIS A 176 -6.84 19.60 33.69
N LYS A 177 -6.10 20.52 33.08
CA LYS A 177 -6.26 21.96 33.26
C LYS A 177 -6.86 22.61 32.00
N PRO A 178 -7.49 23.80 32.16
CA PRO A 178 -8.05 24.57 31.03
C PRO A 178 -7.01 25.04 30.00
N LEU A 179 -7.50 25.61 28.90
CA LEU A 179 -6.65 26.11 27.81
C LEU A 179 -6.64 27.65 27.78
N MET B 1 -11.73 30.13 -60.77
CA MET B 1 -12.06 30.81 -62.02
C MET B 1 -12.70 32.17 -61.79
N LEU B 2 -12.55 33.06 -62.76
CA LEU B 2 -13.24 34.34 -62.72
C LEU B 2 -14.70 34.13 -63.10
N GLU B 3 -14.93 33.12 -63.93
CA GLU B 3 -16.28 32.68 -64.30
C GLU B 3 -16.37 31.16 -64.32
N THR B 4 -17.08 30.62 -63.33
CA THR B 4 -17.18 29.16 -63.15
C THR B 4 -17.97 28.48 -64.26
N ASN B 5 -17.47 27.35 -64.74
CA ASN B 5 -18.21 26.53 -65.68
C ASN B 5 -18.53 25.16 -65.08
N CYS B 6 -19.14 24.28 -65.87
CA CYS B 6 -19.53 22.97 -65.35
C CYS B 6 -18.32 22.08 -65.05
N LEU B 7 -17.24 22.24 -65.82
CA LEU B 7 -15.99 21.49 -65.60
C LEU B 7 -15.40 21.75 -64.21
N ASP B 8 -15.20 23.04 -63.91
CA ASP B 8 -14.79 23.55 -62.60
C ASP B 8 -15.57 22.94 -61.42
N LEU B 9 -16.90 23.11 -61.46
CA LEU B 9 -17.79 22.56 -60.45
C LEU B 9 -17.67 21.04 -60.31
N ARG B 10 -17.62 20.34 -61.44
CA ARG B 10 -17.51 18.88 -61.45
C ARG B 10 -16.23 18.36 -60.78
N THR B 11 -15.07 18.88 -61.19
CA THR B 11 -13.82 18.41 -60.60
C THR B 11 -13.73 18.81 -59.13
N LYS B 12 -14.33 19.95 -58.77
CA LYS B 12 -14.47 20.31 -57.35
C LYS B 12 -15.26 19.24 -56.58
N LEU B 13 -16.41 18.84 -57.13
CA LEU B 13 -17.28 17.86 -56.50
C LEU B 13 -16.59 16.51 -56.34
N GLN B 14 -15.79 16.11 -57.33
CA GLN B 14 -15.03 14.86 -57.21
C GLN B 14 -13.95 14.95 -56.12
N ASP B 15 -13.25 16.07 -56.07
CA ASP B 15 -12.23 16.28 -55.03
C ASP B 15 -12.84 16.23 -53.62
N LEU B 16 -13.98 16.88 -53.45
CA LEU B 16 -14.67 16.89 -52.16
C LEU B 16 -15.21 15.50 -51.79
N GLU B 17 -15.72 14.77 -52.78
CA GLU B 17 -16.18 13.41 -52.54
C GLU B 17 -15.02 12.45 -52.25
N VAL B 18 -13.79 12.88 -52.57
CA VAL B 18 -12.59 12.16 -52.12
C VAL B 18 -12.24 12.47 -50.65
N ALA B 19 -12.11 13.75 -50.35
CA ALA B 19 -11.74 14.18 -48.99
C ALA B 19 -12.79 13.78 -47.93
N ASN B 20 -14.06 13.71 -48.34
CA ASN B 20 -15.15 13.35 -47.43
C ASN B 20 -15.03 11.91 -46.94
N GLN B 21 -14.80 10.98 -47.87
CA GLN B 21 -14.65 9.57 -47.50
C GLN B 21 -13.31 9.34 -46.83
N THR B 22 -12.31 10.17 -47.14
CA THR B 22 -11.05 10.11 -46.39
C THR B 22 -11.31 10.45 -44.92
N LEU B 23 -12.06 11.53 -44.69
CA LEU B 23 -12.39 11.95 -43.33
C LEU B 23 -13.31 10.95 -42.62
N LYS B 24 -14.17 10.28 -43.38
CA LYS B 24 -15.02 9.21 -42.84
C LYS B 24 -14.17 8.03 -42.41
N ASP B 25 -13.11 7.75 -43.17
CA ASP B 25 -12.14 6.72 -42.82
C ASP B 25 -11.41 7.07 -41.52
N GLU B 26 -11.06 8.34 -41.39
CA GLU B 26 -10.33 8.81 -40.21
C GLU B 26 -11.24 9.01 -39.00
N TYR B 27 -12.56 9.01 -39.24
CA TYR B 27 -13.53 9.12 -38.16
C TYR B 27 -13.94 7.74 -37.65
N ASP B 28 -14.16 6.80 -38.56
CA ASP B 28 -14.52 5.44 -38.18
C ASP B 28 -13.33 4.71 -37.53
N ALA B 29 -12.13 5.28 -37.69
CA ALA B 29 -10.92 4.73 -37.10
C ALA B 29 -10.62 5.35 -35.73
N LEU B 30 -11.51 6.20 -35.27
CA LEU B 30 -11.44 6.76 -33.91
C LEU B 30 -12.73 6.52 -33.14
N GLN B 31 -13.76 6.05 -33.84
CA GLN B 31 -15.09 5.90 -33.24
C GLN B 31 -15.16 4.73 -32.28
N ILE B 32 -14.26 3.75 -32.47
CA ILE B 32 -14.23 2.59 -31.58
C ILE B 32 -12.81 2.37 -31.04
N THR B 33 -11.81 2.95 -31.73
CA THR B 33 -10.43 2.86 -31.28
C THR B 33 -10.27 3.52 -29.91
N PHE B 34 -11.23 4.37 -29.56
CA PHE B 34 -11.27 4.99 -28.25
C PHE B 34 -12.35 4.32 -27.38
N THR B 35 -13.27 3.61 -28.01
CA THR B 35 -14.26 2.83 -27.26
C THR B 35 -13.56 1.70 -26.51
N ALA B 36 -12.43 1.27 -27.04
CA ALA B 36 -11.59 0.27 -26.38
C ALA B 36 -10.73 0.90 -25.29
N LEU B 37 -10.15 2.05 -25.61
CA LEU B 37 -9.38 2.83 -24.64
C LEU B 37 -10.22 3.10 -23.39
N GLU B 38 -11.53 3.26 -23.60
CA GLU B 38 -12.51 3.33 -22.51
C GLU B 38 -12.36 2.13 -21.58
N GLU B 39 -12.33 0.94 -22.17
CA GLU B 39 -12.24 -0.30 -21.40
C GLU B 39 -10.90 -0.42 -20.68
N LYS B 40 -9.84 0.03 -21.33
CA LYS B 40 -8.53 0.04 -20.69
C LYS B 40 -8.56 0.94 -19.44
N LEU B 41 -9.21 2.10 -19.57
CA LEU B 41 -9.38 3.00 -18.43
C LEU B 41 -10.17 2.36 -17.31
N ARG B 42 -11.29 1.72 -17.66
CA ARG B 42 -12.09 1.03 -16.66
C ARG B 42 -11.24 0.01 -15.91
N LYS B 43 -10.45 -0.75 -16.65
CA LYS B 43 -9.59 -1.78 -16.05
C LYS B 43 -8.54 -1.20 -15.10
N THR B 44 -7.90 -0.11 -15.53
CA THR B 44 -6.84 0.48 -14.72
C THR B 44 -7.41 1.13 -13.46
N THR B 45 -8.60 1.72 -13.59
CA THR B 45 -9.28 2.34 -12.45
C THR B 45 -9.70 1.26 -11.44
N GLU B 46 -10.16 0.14 -11.97
CA GLU B 46 -10.49 -1.01 -11.13
C GLU B 46 -9.27 -1.52 -10.37
N GLU B 47 -8.15 -1.68 -11.08
CA GLU B 47 -6.90 -2.10 -10.45
C GLU B 47 -6.55 -1.14 -9.30
N ASN B 48 -6.53 0.16 -9.61
CA ASN B 48 -6.27 1.21 -8.62
C ASN B 48 -7.15 1.03 -7.37
N GLN B 49 -8.43 0.79 -7.60
CA GLN B 49 -9.37 0.58 -6.49
C GLN B 49 -9.05 -0.65 -5.65
N GLU B 50 -8.66 -1.74 -6.31
CA GLU B 50 -8.27 -2.95 -5.59
C GLU B 50 -7.08 -2.68 -4.67
N LEU B 51 -6.02 -2.06 -5.23
CA LEU B 51 -4.82 -1.74 -4.46
C LEU B 51 -5.14 -0.86 -3.26
N VAL B 52 -5.88 0.22 -3.49
CA VAL B 52 -6.15 1.16 -2.40
C VAL B 52 -6.99 0.47 -1.33
N THR B 53 -7.97 -0.33 -1.76
CA THR B 53 -8.80 -1.08 -0.82
C THR B 53 -7.98 -2.07 0.04
N ARG B 54 -7.01 -2.78 -0.53
CA ARG B 54 -6.21 -3.71 0.28
C ARG B 54 -5.30 -2.93 1.25
N TRP B 55 -4.69 -1.85 0.76
CA TRP B 55 -3.88 -1.01 1.63
C TRP B 55 -4.66 -0.42 2.82
N MET B 56 -5.79 0.23 2.53
CA MET B 56 -6.70 0.75 3.56
C MET B 56 -7.22 -0.32 4.53
N ALA B 57 -7.48 -1.53 4.04
CA ALA B 57 -7.84 -2.62 4.97
C ALA B 57 -6.71 -2.91 5.96
N GLU B 58 -5.48 -2.98 5.47
CA GLU B 58 -4.36 -3.21 6.39
C GLU B 58 -4.24 -2.08 7.41
N LYS B 59 -4.40 -0.83 6.98
CA LYS B 59 -4.30 0.30 7.91
C LYS B 59 -5.41 0.24 8.98
N ALA B 60 -6.63 -0.08 8.56
CA ALA B 60 -7.75 -0.21 9.51
C ALA B 60 -7.46 -1.27 10.58
N GLN B 61 -6.92 -2.42 10.16
CA GLN B 61 -6.54 -3.46 11.14
C GLN B 61 -5.45 -2.98 12.10
N GLU B 62 -4.46 -2.27 11.57
CA GLU B 62 -3.34 -1.81 12.39
C GLU B 62 -3.76 -0.74 13.42
N ALA B 63 -4.65 0.16 13.00
CA ALA B 63 -5.21 1.16 13.91
C ALA B 63 -6.05 0.50 15.00
N ASN B 64 -6.83 -0.51 14.59
CA ASN B 64 -7.64 -1.25 15.56
C ASN B 64 -6.75 -1.93 16.62
N ARG B 65 -5.70 -2.60 16.16
CA ARG B 65 -4.79 -3.27 17.08
C ARG B 65 -4.15 -2.26 18.04
N LEU B 66 -3.79 -1.08 17.52
CA LEU B 66 -3.14 -0.08 18.37
C LEU B 66 -4.09 0.44 19.45
N ASN B 67 -5.35 0.74 19.08
CA ASN B 67 -6.35 1.10 20.09
C ASN B 67 -6.55 -0.01 21.17
N ALA B 68 -6.60 -1.27 20.74
CA ALA B 68 -6.71 -2.35 21.72
C ALA B 68 -5.49 -2.39 22.64
N GLU B 69 -4.31 -2.18 22.06
CA GLU B 69 -3.07 -2.19 22.84
C GLU B 69 -3.06 -1.10 23.89
N ASN B 70 -3.38 0.13 23.48
CA ASN B 70 -3.53 1.26 24.40
C ASN B 70 -4.49 0.94 25.54
N GLU B 71 -5.63 0.34 25.20
CA GLU B 71 -6.62 0.04 26.22
C GLU B 71 -6.08 -0.98 27.22
N LYS B 72 -5.44 -2.01 26.68
CA LYS B 72 -4.80 -3.04 27.50
C LYS B 72 -3.79 -2.44 28.47
N ASP B 73 -2.96 -1.52 27.98
CA ASP B 73 -1.97 -0.87 28.84
C ASP B 73 -2.61 0.02 29.90
N SER B 74 -3.71 0.68 29.56
CA SER B 74 -4.46 1.48 30.52
C SER B 74 -5.00 0.61 31.66
N ARG B 75 -5.65 -0.49 31.31
CA ARG B 75 -6.19 -1.41 32.32
C ARG B 75 -5.09 -2.02 33.18
N ARG B 76 -3.98 -2.42 32.56
CA ARG B 76 -2.85 -2.98 33.31
C ARG B 76 -2.29 -1.97 34.31
N ARG B 77 -2.08 -0.75 33.85
CA ARG B 77 -1.54 0.31 34.69
C ARG B 77 -2.47 0.58 35.89
N GLN B 78 -3.77 0.72 35.62
CA GLN B 78 -4.71 0.97 36.70
C GLN B 78 -4.82 -0.25 37.63
N ALA B 79 -4.47 -1.41 37.11
CA ALA B 79 -4.42 -2.63 37.91
C ALA B 79 -3.27 -2.57 38.92
N ARG B 80 -2.10 -2.11 38.46
CA ARG B 80 -0.98 -1.90 39.38
C ARG B 80 -1.33 -0.83 40.42
N LEU B 81 -1.97 0.25 39.96
CA LEU B 81 -2.37 1.34 40.84
C LEU B 81 -3.38 0.88 41.89
N GLN B 82 -4.21 -0.09 41.54
CA GLN B 82 -5.16 -0.67 42.49
C GLN B 82 -4.48 -1.65 43.45
N LYS B 83 -3.48 -2.36 42.95
CA LYS B 83 -2.69 -3.27 43.78
C LYS B 83 -1.93 -2.53 44.88
N GLU B 84 -1.37 -1.37 44.52
CA GLU B 84 -0.58 -0.60 45.47
C GLU B 84 -1.39 -0.09 46.67
N LEU B 85 -2.67 0.19 46.44
CA LEU B 85 -3.52 0.74 47.50
C LEU B 85 -3.77 -0.25 48.64
N ALA B 86 -3.82 -1.54 48.30
CA ALA B 86 -4.06 -2.59 49.29
C ALA B 86 -2.93 -2.67 50.31
N ARG C 4 18.55 -18.69 23.56
CA ARG C 4 19.06 -19.88 22.90
C ARG C 4 18.32 -20.13 21.58
N SER C 5 17.30 -19.33 21.33
CA SER C 5 16.42 -19.53 20.17
C SER C 5 17.10 -19.09 18.89
N ARG C 6 17.56 -20.04 18.08
CA ARG C 6 18.24 -19.65 16.83
C ARG C 6 17.24 -19.58 15.68
N ILE C 7 17.54 -18.78 14.66
CA ILE C 7 16.62 -18.53 13.55
C ILE C 7 17.03 -19.25 12.25
N PHE C 8 16.05 -19.75 11.49
CA PHE C 8 16.32 -20.30 10.15
C PHE C 8 15.53 -19.53 9.08
N LYS C 9 16.23 -18.73 8.28
CA LYS C 9 15.55 -18.05 7.19
C LYS C 9 15.43 -18.98 5.97
N ILE C 10 14.17 -19.24 5.63
CA ILE C 10 13.84 -20.13 4.52
C ILE C 10 12.95 -19.41 3.52
N ILE C 11 13.43 -19.25 2.31
CA ILE C 11 12.63 -18.51 1.33
C ILE C 11 11.84 -19.46 0.46
N VAL C 12 10.67 -18.99 0.04
CA VAL C 12 9.76 -19.73 -0.80
C VAL C 12 9.53 -18.97 -2.12
N ILE C 13 9.94 -19.68 -3.19
CA ILE C 13 10.15 -19.16 -4.54
C ILE C 13 9.28 -19.94 -5.52
N GLY C 14 8.70 -19.25 -6.49
CA GLY C 14 7.86 -19.91 -7.48
C GLY C 14 6.92 -18.97 -8.22
N ASP C 15 6.40 -19.47 -9.36
CA ASP C 15 5.39 -18.78 -10.16
C ASP C 15 4.19 -18.31 -9.33
N SER C 16 3.51 -17.26 -9.78
CA SER C 16 2.33 -16.77 -9.11
C SER C 16 1.22 -17.85 -9.16
N ASN C 17 0.46 -17.98 -8.06
CA ASN C 17 -0.68 -18.89 -7.94
C ASN C 17 -0.33 -20.36 -7.78
N VAL C 18 0.91 -20.70 -7.47
CA VAL C 18 1.23 -22.12 -7.29
C VAL C 18 0.88 -22.49 -5.86
N GLY C 19 0.77 -21.47 -5.00
CA GLY C 19 0.27 -21.67 -3.65
C GLY C 19 1.27 -21.43 -2.53
N LYS C 20 2.23 -20.51 -2.76
CA LYS C 20 3.26 -20.18 -1.77
C LYS C 20 2.68 -19.61 -0.47
N THR C 21 1.78 -18.64 -0.63
CA THR C 21 1.11 -18.04 0.52
C THR C 21 0.31 -19.09 1.33
N CYS C 22 -0.51 -19.91 0.64
CA CYS C 22 -1.27 -20.98 1.29
C CYS C 22 -0.39 -22.04 1.98
N LEU C 23 0.72 -22.42 1.37
CA LEU C 23 1.62 -23.38 1.99
C LEU C 23 2.28 -22.83 3.26
N THR C 24 2.83 -21.63 3.15
CA THR C 24 3.55 -21.05 4.28
C THR C 24 2.61 -20.76 5.42
N TYR C 25 1.44 -20.20 5.09
CA TYR C 25 0.39 -19.99 6.08
C TYR C 25 -0.08 -21.31 6.68
N ARG C 26 -0.26 -22.34 5.85
CA ARG C 26 -0.66 -23.64 6.41
C ARG C 26 0.36 -24.11 7.44
N PHE C 27 1.64 -23.91 7.15
CA PHE C 27 2.63 -24.33 8.12
C PHE C 27 2.66 -23.48 9.38
N CYS C 28 2.50 -22.16 9.26
CA CYS C 28 2.69 -21.29 10.42
C CYS C 28 1.43 -21.09 11.28
N ALA C 29 0.27 -21.05 10.65
CA ALA C 29 -0.98 -20.79 11.34
C ALA C 29 -1.75 -22.09 11.60
N GLY C 30 -1.56 -23.08 10.75
CA GLY C 30 -2.24 -24.35 10.93
C GLY C 30 -3.65 -24.27 10.42
N ARG C 31 -3.86 -23.44 9.42
CA ARG C 31 -5.12 -23.40 8.70
C ARG C 31 -4.90 -22.98 7.25
N PHE C 32 -5.92 -23.14 6.43
CA PHE C 32 -5.89 -22.70 5.04
C PHE C 32 -6.37 -21.25 5.04
N PRO C 33 -5.85 -20.42 4.13
CA PRO C 33 -6.31 -19.03 4.08
C PRO C 33 -7.78 -18.88 3.69
N ASP C 34 -8.47 -17.98 4.38
CA ASP C 34 -9.86 -17.67 4.07
C ASP C 34 -9.95 -17.11 2.65
N ARG C 35 -8.87 -16.44 2.23
CA ARG C 35 -8.82 -15.72 0.97
C ARG C 35 -7.39 -15.24 0.73
N THR C 36 -6.88 -15.37 -0.50
CA THR C 36 -5.56 -14.81 -0.80
C THR C 36 -5.59 -13.81 -1.94
N GLU C 37 -4.55 -12.99 -1.96
CA GLU C 37 -4.33 -12.05 -3.04
C GLU C 37 -2.88 -12.20 -3.45
N ALA C 38 -2.53 -11.68 -4.61
CA ALA C 38 -1.16 -11.77 -5.07
C ALA C 38 -0.25 -11.10 -4.03
N THR C 39 0.76 -11.83 -3.58
CA THR C 39 1.71 -11.28 -2.63
C THR C 39 2.49 -10.10 -3.20
N ILE C 40 2.61 -9.03 -2.44
CA ILE C 40 3.37 -7.89 -2.90
C ILE C 40 4.65 -7.74 -2.11
N GLY C 41 5.77 -7.80 -2.80
CA GLY C 41 7.03 -7.84 -2.12
C GLY C 41 7.32 -9.18 -1.50
N VAL C 42 7.00 -9.30 -0.22
CA VAL C 42 7.10 -10.57 0.43
C VAL C 42 6.22 -10.51 1.65
N ASP C 43 5.78 -11.64 2.14
CA ASP C 43 5.18 -11.69 3.47
C ASP C 43 6.06 -12.54 4.39
N PHE C 44 6.17 -12.18 5.66
CA PHE C 44 6.98 -12.97 6.59
C PHE C 44 6.14 -13.77 7.57
N ARG C 45 6.33 -15.08 7.62
CA ARG C 45 5.60 -15.90 8.59
C ARG C 45 6.57 -16.70 9.42
N GLU C 46 6.41 -16.66 10.74
CA GLU C 46 7.34 -17.36 11.62
C GLU C 46 6.64 -18.44 12.45
N ARG C 47 7.38 -19.46 12.82
CA ARG C 47 6.87 -20.45 13.77
C ARG C 47 7.98 -20.96 14.66
N ALA C 48 7.79 -20.84 15.97
CA ALA C 48 8.72 -21.41 16.93
C ALA C 48 8.41 -22.88 17.13
N VAL C 49 9.43 -23.72 16.97
CA VAL C 49 9.29 -25.15 17.26
C VAL C 49 10.46 -25.56 18.12
N GLU C 50 10.37 -26.74 18.72
CA GLU C 50 11.47 -27.29 19.49
C GLU C 50 12.02 -28.52 18.79
N ILE C 51 13.33 -28.56 18.64
CA ILE C 51 14.00 -29.76 18.13
C ILE C 51 15.14 -30.11 19.04
N ASP C 52 15.12 -31.35 19.54
CA ASP C 52 16.12 -31.84 20.48
C ASP C 52 16.30 -30.88 21.65
N GLY C 53 15.18 -30.38 22.18
CA GLY C 53 15.19 -29.51 23.33
C GLY C 53 15.67 -28.10 23.06
N GLU C 54 16.10 -27.84 21.82
CA GLU C 54 16.56 -26.50 21.44
C GLU C 54 15.42 -25.75 20.76
N ARG C 55 15.35 -24.44 20.98
CA ARG C 55 14.29 -23.66 20.36
C ARG C 55 14.70 -23.02 19.03
N ILE C 56 13.91 -23.36 18.01
CA ILE C 56 14.19 -22.94 16.65
C ILE C 56 13.06 -22.07 16.12
N LYS C 57 13.38 -20.92 15.57
CA LYS C 57 12.39 -20.11 14.89
C LYS C 57 12.49 -20.31 13.39
N ILE C 58 11.54 -21.03 12.84
CA ILE C 58 11.44 -21.19 11.40
C ILE C 58 10.82 -19.94 10.78
N GLN C 59 11.64 -19.15 10.10
CA GLN C 59 11.21 -17.89 9.51
C GLN C 59 11.06 -18.05 8.00
N LEU C 60 9.82 -18.15 7.54
CA LEU C 60 9.51 -18.35 6.12
C LEU C 60 9.26 -17.01 5.44
N TRP C 61 9.93 -16.82 4.30
CA TRP C 61 9.70 -15.66 3.43
C TRP C 61 8.83 -16.11 2.27
N ASP C 62 7.61 -15.62 2.26
CA ASP C 62 6.65 -15.94 1.23
C ASP C 62 6.82 -14.92 0.09
N THR C 63 7.64 -15.26 -0.92
CA THR C 63 8.01 -14.24 -1.90
C THR C 63 6.88 -14.02 -2.90
N ALA C 64 6.99 -12.96 -3.70
CA ALA C 64 6.02 -12.70 -4.75
C ALA C 64 6.40 -13.45 -6.01
N GLY C 65 5.41 -13.95 -6.73
CA GLY C 65 5.68 -14.63 -7.98
C GLY C 65 5.58 -13.72 -9.18
N LEU C 66 4.73 -12.70 -9.09
CA LEU C 66 4.61 -11.74 -10.18
C LEU C 66 5.87 -10.88 -10.26
N GLU C 67 6.35 -10.68 -11.49
CA GLU C 67 7.55 -9.91 -11.73
C GLU C 67 7.47 -8.49 -11.15
N ARG C 68 6.35 -7.80 -11.36
CA ARG C 68 6.22 -6.42 -10.91
C ARG C 68 6.22 -6.31 -9.38
N PHE C 69 5.82 -7.39 -8.70
CA PHE C 69 5.73 -7.38 -7.24
C PHE C 69 6.96 -7.96 -6.55
N ARG C 70 7.97 -8.36 -7.31
CA ARG C 70 9.24 -8.79 -6.71
C ARG C 70 10.42 -7.98 -7.27
N LYS C 71 10.15 -6.88 -7.94
CA LYS C 71 11.10 -6.23 -8.80
C LYS C 71 12.42 -5.83 -8.14
N SER C 72 12.40 -5.26 -6.96
CA SER C 72 13.69 -4.92 -6.36
C SER C 72 14.00 -5.71 -5.10
N MET C 73 13.36 -6.86 -4.96
CA MET C 73 13.41 -7.61 -3.73
C MET C 73 14.44 -8.76 -3.69
N VAL C 74 14.91 -9.21 -4.84
CA VAL C 74 15.62 -10.50 -4.92
C VAL C 74 16.90 -10.53 -4.05
N GLN C 75 17.63 -9.41 -4.02
CA GLN C 75 18.80 -9.28 -3.15
C GLN C 75 18.40 -9.54 -1.70
N HIS C 76 17.31 -8.91 -1.28
CA HIS C 76 16.77 -9.10 0.06
C HIS C 76 16.33 -10.54 0.31
N TYR C 77 15.72 -11.20 -0.67
CA TYR C 77 15.35 -12.60 -0.49
C TYR C 77 16.58 -13.41 -0.15
N TYR C 78 17.64 -13.22 -0.94
CA TYR C 78 18.76 -14.14 -0.86
C TYR C 78 19.81 -13.82 0.19
N ARG C 79 19.68 -12.68 0.87
CA ARG C 79 20.67 -12.37 1.89
C ARG C 79 20.57 -13.29 3.11
N ASN C 80 21.65 -14.03 3.34
CA ASN C 80 21.79 -14.91 4.50
C ASN C 80 20.66 -15.91 4.60
N VAL C 81 20.17 -16.33 3.45
CA VAL C 81 19.15 -17.36 3.40
C VAL C 81 19.77 -18.69 3.86
N HIS C 82 19.02 -19.44 4.67
CA HIS C 82 19.48 -20.73 5.16
C HIS C 82 18.95 -21.87 4.32
N ALA C 83 17.83 -21.66 3.66
CA ALA C 83 17.40 -22.69 2.70
C ALA C 83 16.43 -22.15 1.67
N VAL C 84 16.36 -22.86 0.55
CA VAL C 84 15.53 -22.43 -0.57
C VAL C 84 14.48 -23.49 -0.90
N VAL C 85 13.22 -23.07 -0.90
CA VAL C 85 12.12 -23.97 -1.30
C VAL C 85 11.49 -23.50 -2.60
N PHE C 86 11.64 -24.32 -3.64
CA PHE C 86 11.01 -24.06 -4.93
C PHE C 86 9.65 -24.71 -4.99
N VAL C 87 8.69 -24.01 -5.56
CA VAL C 87 7.31 -24.50 -5.60
C VAL C 87 6.70 -24.40 -6.98
N TYR C 88 6.06 -25.49 -7.41
CA TYR C 88 5.19 -25.42 -8.60
C TYR C 88 3.81 -25.99 -8.32
N ASP C 89 2.92 -25.82 -9.30
CA ASP C 89 1.56 -26.32 -9.26
C ASP C 89 1.46 -27.62 -10.06
N MET C 90 1.12 -28.70 -9.37
CA MET C 90 1.03 -30.00 -10.03
C MET C 90 0.01 -30.03 -11.17
N THR C 91 -0.95 -29.09 -11.16
CA THR C 91 -1.95 -29.05 -12.21
C THR C 91 -1.60 -28.09 -13.33
N ASN C 92 -0.39 -27.53 -13.28
CA ASN C 92 0.05 -26.57 -14.29
C ASN C 92 1.47 -26.84 -14.75
N MET C 93 1.58 -27.42 -15.95
CA MET C 93 2.89 -27.80 -16.50
C MET C 93 3.79 -26.59 -16.70
N ALA C 94 3.19 -25.44 -17.03
CA ALA C 94 3.97 -24.22 -17.28
C ALA C 94 4.67 -23.76 -16.00
N SER C 95 4.03 -23.92 -14.85
CA SER C 95 4.66 -23.54 -13.58
C SER C 95 5.89 -24.41 -13.32
N PHE C 96 5.86 -25.63 -13.86
CA PHE C 96 6.93 -26.59 -13.68
C PHE C 96 8.07 -26.27 -14.64
N HIS C 97 7.72 -25.86 -15.86
CA HIS C 97 8.73 -25.50 -16.85
C HIS C 97 9.42 -24.19 -16.48
N SER C 98 8.88 -23.50 -15.49
CA SER C 98 9.51 -22.26 -15.00
C SER C 98 10.71 -22.54 -14.11
N LEU C 99 10.77 -23.73 -13.51
CA LEU C 99 11.77 -23.98 -12.49
C LEU C 99 13.23 -23.73 -12.94
N PRO C 100 13.58 -24.07 -14.19
CA PRO C 100 14.99 -23.77 -14.52
C PRO C 100 15.35 -22.30 -14.37
N SER C 101 14.45 -21.40 -14.72
CA SER C 101 14.74 -19.98 -14.55
C SER C 101 14.81 -19.57 -13.06
N TRP C 102 13.94 -20.16 -12.21
CA TRP C 102 14.01 -19.88 -10.77
C TRP C 102 15.32 -20.37 -10.19
N ILE C 103 15.75 -21.54 -10.69
CA ILE C 103 17.00 -22.15 -10.25
C ILE C 103 18.20 -21.32 -10.68
N GLU C 104 18.16 -20.78 -11.89
CA GLU C 104 19.22 -19.92 -12.41
C GLU C 104 19.31 -18.64 -11.58
N GLU C 105 18.16 -18.05 -11.25
CA GLU C 105 18.13 -16.90 -10.35
C GLU C 105 18.77 -17.23 -9.00
N CYS C 106 18.41 -18.38 -8.45
CA CYS C 106 19.00 -18.84 -7.18
C CYS C 106 20.52 -18.97 -7.29
N LYS C 107 20.96 -19.61 -8.36
CA LYS C 107 22.38 -19.89 -8.57
C LYS C 107 23.15 -18.60 -8.75
N GLN C 108 22.50 -17.59 -9.32
CA GLN C 108 23.16 -16.31 -9.49
C GLN C 108 23.15 -15.43 -8.24
N HIS C 109 22.23 -15.68 -7.30
CA HIS C 109 22.15 -14.83 -6.11
C HIS C 109 22.65 -15.44 -4.79
N LEU C 110 22.78 -16.76 -4.71
CA LEU C 110 23.29 -17.38 -3.48
C LEU C 110 24.71 -16.91 -3.22
N LEU C 111 25.08 -16.78 -1.95
CA LEU C 111 26.42 -16.37 -1.59
C LEU C 111 27.22 -17.52 -1.01
N ALA C 112 26.68 -18.72 -1.06
CA ALA C 112 27.44 -19.88 -0.63
C ALA C 112 27.01 -21.10 -1.41
N ASN C 113 27.88 -22.11 -1.40
CA ASN C 113 27.63 -23.32 -2.18
C ASN C 113 27.01 -24.45 -1.35
N ASP C 114 26.65 -24.18 -0.10
CA ASP C 114 26.18 -25.24 0.79
C ASP C 114 24.79 -24.97 1.36
N ILE C 115 24.01 -24.14 0.66
CA ILE C 115 22.64 -23.84 1.05
C ILE C 115 21.67 -24.87 0.45
N PRO C 116 20.97 -25.66 1.30
CA PRO C 116 19.98 -26.65 0.87
C PRO C 116 18.86 -26.10 -0.01
N ARG C 117 18.52 -26.80 -1.08
CA ARG C 117 17.32 -26.46 -1.83
C ARG C 117 16.39 -27.68 -1.92
N ILE C 118 15.08 -27.46 -1.84
CA ILE C 118 14.11 -28.55 -2.05
C ILE C 118 13.05 -28.17 -3.07
N LEU C 119 12.42 -29.20 -3.63
CA LEU C 119 11.39 -29.03 -4.66
C LEU C 119 10.03 -29.56 -4.18
N VAL C 120 9.03 -28.69 -4.27
CA VAL C 120 7.68 -28.98 -3.80
C VAL C 120 6.62 -28.78 -4.90
N GLY C 121 5.89 -29.85 -5.20
CA GLY C 121 4.69 -29.76 -6.02
C GLY C 121 3.46 -29.61 -5.13
N ASN C 122 2.64 -28.60 -5.42
CA ASN C 122 1.50 -28.28 -4.59
C ASN C 122 0.22 -28.60 -5.32
N LYS C 123 -0.89 -28.56 -4.56
CA LYS C 123 -2.24 -28.86 -5.05
C LYS C 123 -2.40 -30.32 -5.47
N CYS C 124 -1.69 -31.25 -4.81
CA CYS C 124 -1.85 -32.67 -5.12
C CYS C 124 -3.27 -33.19 -4.87
N ASP C 125 -4.10 -32.43 -4.13
CA ASP C 125 -5.51 -32.80 -3.94
C ASP C 125 -6.31 -32.78 -5.24
N LEU C 126 -5.81 -32.08 -6.25
CA LEU C 126 -6.54 -31.93 -7.52
C LEU C 126 -6.16 -33.05 -8.52
N ARG C 127 -6.35 -34.29 -8.07
CA ARG C 127 -5.90 -35.49 -8.80
C ARG C 127 -6.35 -35.55 -10.25
N SER C 128 -7.60 -35.23 -10.52
CA SER C 128 -8.12 -35.32 -11.88
C SER C 128 -7.54 -34.27 -12.84
N ALA C 129 -6.83 -33.27 -12.32
CA ALA C 129 -6.33 -32.20 -13.18
C ALA C 129 -4.82 -32.07 -13.16
N ILE C 130 -4.14 -33.05 -12.56
CA ILE C 130 -2.68 -33.05 -12.49
C ILE C 130 -2.06 -33.09 -13.89
N GLN C 131 -1.04 -32.26 -14.11
CA GLN C 131 -0.35 -32.18 -15.40
C GLN C 131 1.11 -32.63 -15.32
N VAL C 132 1.64 -32.71 -14.11
CA VAL C 132 3.05 -33.02 -13.89
C VAL C 132 3.18 -34.37 -13.23
N PRO C 133 3.52 -35.42 -14.00
CA PRO C 133 3.60 -36.72 -13.35
C PRO C 133 4.76 -36.79 -12.39
N THR C 134 4.66 -37.64 -11.38
CA THR C 134 5.69 -37.76 -10.35
C THR C 134 7.08 -38.08 -10.90
N ASP C 135 7.21 -39.00 -11.84
CA ASP C 135 8.53 -39.42 -12.33
C ASP C 135 9.28 -38.27 -13.05
N LEU C 136 8.55 -37.42 -13.77
CA LEU C 136 9.15 -36.22 -14.37
C LEU C 136 9.75 -35.30 -13.30
N ALA C 137 8.92 -34.99 -12.31
CA ALA C 137 9.32 -34.13 -11.22
C ALA C 137 10.48 -34.77 -10.47
N GLN C 138 10.40 -36.07 -10.26
CA GLN C 138 11.38 -36.80 -9.48
C GLN C 138 12.73 -36.73 -10.16
N LYS C 139 12.74 -36.88 -11.49
CA LYS C 139 14.02 -36.86 -12.21
C LYS C 139 14.60 -35.45 -12.14
N PHE C 140 13.76 -34.45 -12.38
CA PHE C 140 14.23 -33.07 -12.22
C PHE C 140 14.86 -32.84 -10.85
N ALA C 141 14.18 -33.27 -9.80
CA ALA C 141 14.64 -33.15 -8.42
C ALA C 141 15.96 -33.85 -8.16
N ASP C 142 16.08 -35.07 -8.66
CA ASP C 142 17.26 -35.89 -8.40
C ASP C 142 18.47 -35.27 -9.08
N THR C 143 18.30 -34.88 -10.34
CA THR C 143 19.45 -34.43 -11.12
C THR C 143 19.92 -33.06 -10.63
N HIS C 144 19.07 -32.34 -9.90
CA HIS C 144 19.48 -31.09 -9.26
C HIS C 144 19.83 -31.24 -7.77
N SER C 145 20.00 -32.48 -7.29
CA SER C 145 20.28 -32.73 -5.86
C SER C 145 19.24 -32.13 -4.92
N MET C 146 17.96 -32.25 -5.29
CA MET C 146 16.87 -31.81 -4.41
C MET C 146 15.90 -32.96 -4.11
N PRO C 147 15.43 -33.06 -2.86
CA PRO C 147 14.28 -33.95 -2.61
C PRO C 147 13.00 -33.42 -3.23
N LEU C 148 12.14 -34.32 -3.71
CA LEU C 148 10.84 -33.96 -4.23
C LEU C 148 9.77 -34.18 -3.17
N PHE C 149 8.88 -33.21 -3.01
CA PHE C 149 7.68 -33.39 -2.20
C PHE C 149 6.47 -33.06 -3.05
N GLU C 150 5.43 -33.89 -2.92
CA GLU C 150 4.14 -33.62 -3.52
C GLU C 150 3.13 -33.52 -2.38
N THR C 151 2.39 -32.41 -2.37
CA THR C 151 1.70 -32.00 -1.18
C THR C 151 0.46 -31.18 -1.50
N SER C 152 -0.30 -30.85 -0.45
CA SER C 152 -1.47 -30.01 -0.63
C SER C 152 -1.66 -29.06 0.56
N ALA C 153 -1.54 -27.76 0.32
CA ALA C 153 -1.80 -26.81 1.41
C ALA C 153 -3.28 -26.90 1.83
N LYS C 154 -4.15 -27.15 0.88
CA LYS C 154 -5.57 -27.25 1.16
C LYS C 154 -5.93 -28.47 2.03
N ASN C 155 -5.43 -29.64 1.65
CA ASN C 155 -5.61 -30.86 2.46
C ASN C 155 -4.27 -31.34 2.99
N PRO C 156 -3.90 -30.85 4.18
CA PRO C 156 -2.52 -30.90 4.68
C PRO C 156 -2.01 -32.30 5.07
N ASN C 157 -2.82 -33.35 4.91
CA ASN C 157 -2.34 -34.70 5.27
C ASN C 157 -2.26 -35.61 4.06
N ASP C 158 -2.51 -35.05 2.88
CA ASP C 158 -2.50 -35.81 1.64
C ASP C 158 -1.06 -35.98 1.13
N ASN C 159 -0.72 -37.18 0.71
CA ASN C 159 0.62 -37.52 0.26
C ASN C 159 1.72 -37.09 1.25
N ASP C 160 2.62 -36.19 0.84
CA ASP C 160 3.59 -35.62 1.77
C ASP C 160 2.95 -34.54 2.63
N HIS C 161 2.83 -34.81 3.93
CA HIS C 161 2.22 -33.85 4.87
C HIS C 161 2.96 -32.52 4.86
N VAL C 162 2.23 -31.41 4.74
CA VAL C 162 2.80 -30.07 4.74
C VAL C 162 3.70 -29.82 5.96
N GLU C 163 3.24 -30.22 7.14
CA GLU C 163 4.05 -30.12 8.34
C GLU C 163 5.39 -30.83 8.19
N ALA C 164 5.35 -32.00 7.56
CA ALA C 164 6.52 -32.87 7.51
C ALA C 164 7.58 -32.28 6.61
N ILE C 165 7.17 -31.53 5.61
CA ILE C 165 8.12 -30.92 4.70
C ILE C 165 9.01 -29.92 5.44
N PHE C 166 8.40 -28.89 6.03
CA PHE C 166 9.19 -27.86 6.71
C PHE C 166 9.86 -28.42 7.97
N MET C 167 9.21 -29.35 8.66
CA MET C 167 9.88 -29.90 9.85
C MET C 167 11.10 -30.76 9.48
N THR C 168 10.99 -31.49 8.38
CA THR C 168 12.10 -32.30 7.91
C THR C 168 13.25 -31.39 7.55
N LEU C 169 12.93 -30.33 6.80
CA LEU C 169 13.94 -29.35 6.40
C LEU C 169 14.61 -28.68 7.62
N ALA C 170 13.82 -28.27 8.60
CA ALA C 170 14.36 -27.66 9.83
C ALA C 170 15.25 -28.63 10.62
N HIS C 171 14.88 -29.91 10.66
CA HIS C 171 15.75 -30.91 11.30
C HIS C 171 17.06 -31.03 10.55
N LYS C 172 16.97 -30.98 9.23
CA LYS C 172 18.15 -31.10 8.39
C LYS C 172 19.09 -29.89 8.61
N LEU C 173 18.53 -28.68 8.69
CA LEU C 173 19.32 -27.48 8.97
C LEU C 173 19.95 -27.52 10.36
N LYS C 174 19.16 -27.89 11.36
CA LYS C 174 19.64 -27.84 12.74
C LYS C 174 20.87 -28.70 12.99
N SER C 175 20.85 -29.91 12.45
CA SER C 175 21.94 -30.83 12.72
C SER C 175 23.02 -30.76 11.64
N HIS C 176 22.85 -29.83 10.70
CA HIS C 176 23.77 -29.65 9.57
C HIS C 176 24.07 -30.97 8.86
N LYS C 177 23.01 -31.76 8.65
CA LYS C 177 23.14 -33.11 8.10
C LYS C 177 22.63 -33.16 6.65
N PRO C 178 23.04 -34.19 5.88
CA PRO C 178 22.55 -34.36 4.51
C PRO C 178 21.03 -34.43 4.41
N MET D 1 -38.95 7.29 -55.91
CA MET D 1 -39.05 7.97 -57.20
C MET D 1 -38.47 7.08 -58.30
N LEU D 2 -39.34 6.34 -58.99
CA LEU D 2 -38.90 5.41 -60.04
C LEU D 2 -38.16 6.11 -61.17
N GLU D 3 -38.52 7.36 -61.43
CA GLU D 3 -37.76 8.19 -62.36
C GLU D 3 -37.42 9.53 -61.71
N THR D 4 -36.13 9.75 -61.48
CA THR D 4 -35.66 10.96 -60.82
C THR D 4 -35.76 12.18 -61.74
N ASN D 5 -36.13 13.31 -61.17
CA ASN D 5 -36.09 14.57 -61.92
C ASN D 5 -35.27 15.62 -61.16
N CYS D 6 -35.28 16.86 -61.64
CA CYS D 6 -34.50 17.91 -61.00
C CYS D 6 -34.96 18.21 -59.57
N LEU D 7 -36.26 18.08 -59.29
CA LEU D 7 -36.80 18.34 -57.95
C LEU D 7 -36.32 17.29 -56.93
N ASP D 8 -35.82 16.16 -57.42
CA ASP D 8 -35.15 15.17 -56.57
C ASP D 8 -33.78 15.65 -56.09
N LEU D 9 -33.41 16.88 -56.45
CA LEU D 9 -32.27 17.56 -55.84
C LEU D 9 -32.64 18.05 -54.44
N ARG D 10 -33.94 18.03 -54.12
CA ARG D 10 -34.39 18.42 -52.80
C ARG D 10 -34.14 17.28 -51.80
N THR D 11 -33.67 16.14 -52.31
CA THR D 11 -33.28 15.03 -51.46
C THR D 11 -31.77 15.05 -51.21
N LYS D 12 -31.04 15.78 -52.05
CA LYS D 12 -29.61 16.02 -51.82
C LYS D 12 -29.46 17.12 -50.77
N LEU D 13 -30.47 18.00 -50.72
CA LEU D 13 -30.57 19.03 -49.70
C LEU D 13 -30.70 18.38 -48.31
N GLN D 14 -31.38 17.23 -48.25
CA GLN D 14 -31.53 16.49 -47.01
C GLN D 14 -30.21 15.86 -46.57
N ASP D 15 -29.41 15.43 -47.54
CA ASP D 15 -28.16 14.75 -47.27
C ASP D 15 -27.03 15.72 -46.91
N LEU D 16 -27.08 16.94 -47.44
CA LEU D 16 -26.11 17.95 -47.03
C LEU D 16 -26.39 18.41 -45.59
N GLU D 17 -27.47 17.89 -45.00
CA GLU D 17 -27.85 18.20 -43.62
C GLU D 17 -27.62 17.03 -42.68
N VAL D 18 -28.08 15.83 -43.07
CA VAL D 18 -27.87 14.65 -42.24
C VAL D 18 -26.38 14.34 -42.12
N ALA D 19 -25.60 14.73 -43.14
CA ALA D 19 -24.16 14.56 -43.11
C ALA D 19 -23.51 15.52 -42.12
N ASN D 20 -23.85 16.80 -42.19
CA ASN D 20 -23.24 17.81 -41.32
C ASN D 20 -23.78 17.76 -39.89
N GLN D 21 -24.51 16.71 -39.57
CA GLN D 21 -24.79 16.39 -38.18
C GLN D 21 -23.59 15.63 -37.64
N THR D 22 -22.73 15.18 -38.55
CA THR D 22 -21.52 14.44 -38.18
C THR D 22 -20.27 14.79 -39.02
N LEU D 23 -20.54 15.11 -40.28
CA LEU D 23 -19.59 15.42 -41.38
C LEU D 23 -18.16 15.70 -40.90
N LYS D 24 -17.97 16.81 -40.21
CA LYS D 24 -16.66 17.36 -39.83
C LYS D 24 -16.59 17.73 -38.35
N ASP D 25 -17.68 18.28 -37.83
CA ASP D 25 -17.71 18.78 -36.47
C ASP D 25 -17.45 17.69 -35.43
N GLU D 26 -18.09 16.54 -35.63
CA GLU D 26 -18.00 15.44 -34.66
C GLU D 26 -16.61 14.81 -34.60
N TYR D 27 -15.81 14.99 -35.65
CA TYR D 27 -14.44 14.50 -35.67
C TYR D 27 -13.58 15.32 -34.73
N ASP D 28 -13.58 16.63 -34.91
CA ASP D 28 -12.85 17.53 -34.03
C ASP D 28 -13.43 17.46 -32.61
N ALA D 29 -14.71 17.12 -32.50
CA ALA D 29 -15.36 16.96 -31.20
C ALA D 29 -14.81 15.76 -30.45
N LEU D 30 -15.03 14.57 -31.01
CA LEU D 30 -14.58 13.33 -30.39
C LEU D 30 -13.05 13.30 -30.23
N GLN D 31 -12.34 14.01 -31.10
CA GLN D 31 -10.88 14.12 -31.00
C GLN D 31 -10.45 14.72 -29.66
N ILE D 32 -11.15 15.77 -29.23
CA ILE D 32 -10.80 16.45 -27.99
C ILE D 32 -11.49 15.81 -26.78
N THR D 33 -12.68 15.24 -26.96
CA THR D 33 -13.33 14.54 -25.85
C THR D 33 -12.51 13.31 -25.46
N PHE D 34 -11.80 12.75 -26.43
CA PHE D 34 -11.03 11.54 -26.20
C PHE D 34 -9.52 11.79 -26.28
N THR D 35 -9.14 13.06 -26.31
CA THR D 35 -7.77 13.42 -25.97
C THR D 35 -7.76 13.70 -24.48
N ALA D 36 -8.97 13.79 -23.93
CA ALA D 36 -9.16 13.96 -22.49
C ALA D 36 -9.29 12.60 -21.82
N LEU D 37 -9.66 11.60 -22.59
CA LEU D 37 -9.76 10.25 -22.06
C LEU D 37 -8.36 9.66 -21.89
N GLU D 38 -7.50 9.92 -22.87
CA GLU D 38 -6.11 9.51 -22.81
C GLU D 38 -5.44 10.03 -21.55
N GLU D 39 -5.83 11.24 -21.14
CA GLU D 39 -5.22 11.88 -19.99
C GLU D 39 -5.66 11.25 -18.68
N LYS D 40 -6.95 10.92 -18.57
CA LYS D 40 -7.43 10.26 -17.37
C LYS D 40 -6.85 8.86 -17.28
N LEU D 41 -6.65 8.21 -18.43
CA LEU D 41 -6.03 6.90 -18.44
C LEU D 41 -4.57 6.96 -17.99
N ARG D 42 -3.81 7.89 -18.55
CA ARG D 42 -2.41 7.98 -18.21
C ARG D 42 -2.22 8.46 -16.77
N LYS D 43 -3.20 9.20 -16.25
CA LYS D 43 -3.11 9.65 -14.86
C LYS D 43 -3.45 8.49 -13.91
N THR D 44 -4.42 7.66 -14.29
CA THR D 44 -4.77 6.51 -13.47
C THR D 44 -3.63 5.49 -13.46
N THR D 45 -2.97 5.37 -14.60
CA THR D 45 -1.82 4.49 -14.73
C THR D 45 -0.66 5.00 -13.89
N GLU D 46 -0.39 6.29 -14.00
CA GLU D 46 0.66 6.93 -13.20
C GLU D 46 0.39 6.69 -11.71
N GLU D 47 -0.86 6.86 -11.31
CA GLU D 47 -1.28 6.63 -9.93
C GLU D 47 -1.01 5.18 -9.50
N ASN D 48 -1.35 4.22 -10.36
CA ASN D 48 -1.06 2.81 -10.08
C ASN D 48 0.42 2.58 -9.85
N GLN D 49 1.25 3.14 -10.72
CA GLN D 49 2.70 2.99 -10.61
C GLN D 49 3.24 3.60 -9.32
N GLU D 50 2.73 4.77 -8.93
CA GLU D 50 3.13 5.37 -7.66
C GLU D 50 2.75 4.49 -6.48
N LEU D 51 1.54 3.92 -6.54
CA LEU D 51 1.04 3.09 -5.45
C LEU D 51 1.90 1.85 -5.27
N VAL D 52 2.13 1.13 -6.36
CA VAL D 52 2.90 -0.09 -6.31
C VAL D 52 4.36 0.19 -5.95
N THR D 53 4.94 1.24 -6.52
CA THR D 53 6.31 1.61 -6.18
C THR D 53 6.48 1.93 -4.70
N ARG D 54 5.51 2.65 -4.15
CA ARG D 54 5.55 3.01 -2.74
C ARG D 54 5.38 1.76 -1.84
N TRP D 55 4.47 0.87 -2.24
CA TRP D 55 4.27 -0.37 -1.51
C TRP D 55 5.55 -1.21 -1.50
N MET D 56 6.08 -1.46 -2.69
CA MET D 56 7.33 -2.21 -2.88
C MET D 56 8.48 -1.63 -2.08
N ALA D 57 8.59 -0.30 -2.05
CA ALA D 57 9.66 0.35 -1.28
C ALA D 57 9.52 0.10 0.22
N GLU D 58 8.28 0.10 0.71
CA GLU D 58 8.08 -0.19 2.12
C GLU D 58 8.46 -1.65 2.42
N LYS D 59 8.07 -2.56 1.52
CA LYS D 59 8.42 -3.97 1.71
C LYS D 59 9.94 -4.17 1.70
N ALA D 60 10.63 -3.54 0.76
CA ALA D 60 12.10 -3.57 0.72
C ALA D 60 12.73 -3.09 2.03
N GLN D 61 12.24 -1.98 2.56
CA GLN D 61 12.77 -1.49 3.85
C GLN D 61 12.53 -2.49 5.01
N GLU D 62 11.34 -3.10 5.03
CA GLU D 62 11.01 -4.10 6.04
C GLU D 62 11.89 -5.37 5.94
N ALA D 63 12.09 -5.85 4.73
CA ALA D 63 12.97 -7.00 4.49
C ALA D 63 14.41 -6.68 4.89
N ASN D 64 14.83 -5.44 4.65
CA ASN D 64 16.17 -5.00 5.06
C ASN D 64 16.32 -4.97 6.59
N ARG D 65 15.33 -4.41 7.26
CA ARG D 65 15.34 -4.40 8.73
C ARG D 65 15.39 -5.82 9.29
N LEU D 66 14.54 -6.71 8.76
CA LEU D 66 14.47 -8.07 9.29
C LEU D 66 15.80 -8.81 9.04
N ASN D 67 16.39 -8.67 7.85
CA ASN D 67 17.74 -9.20 7.65
C ASN D 67 18.75 -8.67 8.68
N ALA D 68 18.72 -7.37 8.96
CA ALA D 68 19.68 -6.81 9.94
C ALA D 68 19.46 -7.36 11.35
N GLU D 69 18.20 -7.54 11.74
CA GLU D 69 17.88 -8.16 13.03
C GLU D 69 18.33 -9.62 13.10
N ASN D 70 18.07 -10.39 12.05
CA ASN D 70 18.54 -11.77 11.98
C ASN D 70 20.05 -11.78 12.18
N GLU D 71 20.73 -10.81 11.57
CA GLU D 71 22.18 -10.74 11.65
C GLU D 71 22.63 -10.45 13.09
N LYS D 72 21.98 -9.48 13.74
CA LYS D 72 22.27 -9.19 15.13
C LYS D 72 22.16 -10.45 16.01
N ASP D 73 21.05 -11.17 15.85
CA ASP D 73 20.84 -12.39 16.64
C ASP D 73 21.90 -13.45 16.35
N SER D 74 22.30 -13.56 15.09
CA SER D 74 23.34 -14.50 14.69
C SER D 74 24.68 -14.17 15.35
N ARG D 75 25.01 -12.88 15.40
CA ARG D 75 26.24 -12.46 16.09
C ARG D 75 26.15 -12.78 17.58
N ARG D 76 24.98 -12.58 18.18
CA ARG D 76 24.77 -12.97 19.59
C ARG D 76 25.08 -14.46 19.79
N ARG D 77 24.48 -15.29 18.96
CA ARG D 77 24.64 -16.74 19.08
C ARG D 77 26.11 -17.16 18.96
N GLN D 78 26.80 -16.64 17.93
CA GLN D 78 28.20 -16.96 17.72
C GLN D 78 29.09 -16.47 18.88
N ALA D 79 28.81 -15.27 19.38
CA ALA D 79 29.56 -14.72 20.50
C ALA D 79 29.39 -15.57 21.75
N ARG D 80 28.16 -16.02 21.98
CA ARG D 80 27.85 -16.91 23.10
C ARG D 80 28.61 -18.23 22.97
N LEU D 81 28.62 -18.79 21.77
CA LEU D 81 29.36 -20.03 21.51
C LEU D 81 30.86 -19.87 21.77
N GLN D 82 31.40 -18.72 21.37
CA GLN D 82 32.81 -18.42 21.62
C GLN D 82 33.09 -18.28 23.11
N LYS D 83 32.14 -17.72 23.84
CA LYS D 83 32.24 -17.65 25.30
C LYS D 83 32.23 -19.06 25.89
N GLU D 84 31.45 -19.95 25.29
CA GLU D 84 31.33 -21.33 25.76
C GLU D 84 32.60 -22.14 25.52
N LEU D 85 33.25 -21.93 24.39
CA LEU D 85 34.49 -22.66 24.08
C LEU D 85 35.61 -22.36 25.08
N ALA D 86 35.47 -21.25 25.81
CA ALA D 86 36.43 -20.89 26.85
C ALA D 86 36.09 -21.57 28.17
#